data_9ATG
#
_entry.id   9ATG
#
_cell.length_a   100.892
_cell.length_b   57.642
_cell.length_c   49.711
_cell.angle_alpha   90.00
_cell.angle_beta   112.28
_cell.angle_gamma   90.00
#
_symmetry.space_group_name_H-M   'C 1 2 1'
#
loop_
_entity.id
_entity.type
_entity.pdbx_description
1 polymer '3C-like proteinase nsp5'
2 non-polymer '(1S,2S)-2-({N-[({(2S)-1-[(2,2-difluoro-2H-1,3-benzodioxol-5-yl)methyl]-5-oxopyrrolidin-2-yl}methoxy)carbonyl]-L-leucyl}amino)-1-hydroxy-3-[(3S)-2-oxopyrrolidin-3-yl]propane-1-sulfonic acid'
3 non-polymer '(1R,2S)-2-({N-[({(2S)-1-[(2,2-difluoro-2H-1,3-benzodioxol-5-yl)methyl]-5-oxopyrrolidin-2-yl}methoxy)carbonyl]-L-leucyl}amino)-1-hydroxy-3-[(3S)-2-oxopyrrolidin-3-yl]propane-1-sulfonic acid'
4 water water
#
_entity_poly.entity_id   1
_entity_poly.type   'polypeptide(L)'
_entity_poly.pdbx_seq_one_letter_code
;MHHHHHHSGLVKMSHPSGDVEACMVQVTCGSMTLNGLWLDNTVWCPRHVMCPADQLSDPNYDALLISMTNHSFSVQKHIG
APANLRVVGHAMQGTLLKLTVDVANPSTPAYTFTTVKPGAAFSVLACYNGRPTGTFTVVMRPNYTIKGSFLCGSCGSVGY
TKEGSVINFCYMHQMELANGTHTGSAFDGTMYGAFMDKQVHQVQLTDKYCSVNVVAWLYAAILNGCAWFVKPNRTSVVSF
NEWALANQFTEFVGTQSVDMLAVKTGVAIEQLLYAIQQLYTGFQGKQILGSTMLEDEFTPEDVNMQIMGVVMQ
;
_entity_poly.pdbx_strand_id   A
#
loop_
_chem_comp.id
_chem_comp.type
_chem_comp.name
_chem_comp.formula
A1AGS non-polymer '(1R,2S)-2-({N-[({(2S)-1-[(2,2-difluoro-2H-1,3-benzodioxol-5-yl)methyl]-5-oxopyrrolidin-2-yl}methoxy)carbonyl]-L-leucyl}amino)-1-hydroxy-3-[(3S)-2-oxopyrrolidin-3-yl]propane-1-sulfonic acid' 'C27 H36 F2 N4 O11 S'
A1AGT non-polymer '(1S,2S)-2-({N-[({(2S)-1-[(2,2-difluoro-2H-1,3-benzodioxol-5-yl)methyl]-5-oxopyrrolidin-2-yl}methoxy)carbonyl]-L-leucyl}amino)-1-hydroxy-3-[(3S)-2-oxopyrrolidin-3-yl]propane-1-sulfonic acid' 'C27 H36 F2 N4 O11 S'
#
# COMPACT_ATOMS: atom_id res chain seq x y z
N HIS A 6 2.06 24.43 -16.33
CA HIS A 6 1.61 23.23 -17.09
C HIS A 6 1.42 22.07 -16.12
N HIS A 7 0.20 21.55 -16.07
CA HIS A 7 -0.09 20.35 -15.28
C HIS A 7 0.28 19.09 -16.06
N SER A 8 0.87 18.10 -15.36
CA SER A 8 1.40 16.91 -16.00
C SER A 8 0.30 15.96 -16.45
N GLY A 9 -0.89 16.10 -15.92
CA GLY A 9 -1.91 15.13 -16.16
C GLY A 9 -1.88 13.99 -15.17
N LEU A 10 -0.97 14.05 -14.20
CA LEU A 10 -0.84 13.01 -13.19
C LEU A 10 -1.54 13.41 -11.92
N VAL A 11 -2.33 12.51 -11.36
CA VAL A 11 -2.93 12.69 -10.06
C VAL A 11 -2.72 11.37 -9.30
N LYS A 12 -2.95 11.42 -8.00
CA LYS A 12 -2.97 10.20 -7.19
C LYS A 12 -4.33 9.55 -7.45
N MET A 13 -4.32 8.51 -8.27
N MET A 13 -4.34 8.48 -8.23
CA MET A 13 -5.53 7.84 -8.72
CA MET A 13 -5.57 7.89 -8.70
C MET A 13 -5.73 6.57 -7.90
C MET A 13 -5.80 6.56 -8.03
N SER A 14 -6.92 6.44 -7.32
CA SER A 14 -7.33 5.22 -6.65
C SER A 14 -8.32 4.45 -7.52
N HIS A 15 -8.42 3.15 -7.27
CA HIS A 15 -9.51 2.41 -7.86
C HIS A 15 -10.84 2.87 -7.30
N PRO A 16 -11.91 2.78 -8.07
CA PRO A 16 -13.22 2.98 -7.48
C PRO A 16 -13.38 1.97 -6.36
N SER A 17 -13.99 2.41 -5.26
CA SER A 17 -13.96 1.63 -4.04
C SER A 17 -15.23 0.85 -3.75
N GLY A 18 -16.24 0.90 -4.62
CA GLY A 18 -17.54 0.35 -4.24
C GLY A 18 -17.51 -1.13 -3.95
N ASP A 19 -16.82 -1.91 -4.78
CA ASP A 19 -16.73 -3.35 -4.54
C ASP A 19 -16.21 -3.67 -3.15
N VAL A 20 -15.24 -2.89 -2.68
CA VAL A 20 -14.61 -3.18 -1.39
C VAL A 20 -15.46 -2.62 -0.26
N GLU A 21 -16.09 -1.47 -0.49
CA GLU A 21 -16.97 -0.91 0.54
C GLU A 21 -18.00 -1.93 0.99
N ALA A 22 -18.51 -2.72 0.06
CA ALA A 22 -19.54 -3.71 0.35
C ALA A 22 -19.01 -4.92 1.15
N CYS A 23 -17.71 -4.97 1.41
CA CYS A 23 -17.09 -6.06 2.17
C CYS A 23 -16.67 -5.63 3.57
N MET A 24 -16.79 -4.35 3.91
CA MET A 24 -16.28 -3.87 5.19
C MET A 24 -17.32 -4.06 6.28
N VAL A 25 -16.83 -4.47 7.45
CA VAL A 25 -17.67 -4.69 8.61
C VAL A 25 -16.97 -4.13 9.84
N GLN A 26 -17.72 -4.00 10.92
CA GLN A 26 -17.20 -3.67 12.24
C GLN A 26 -17.02 -4.96 13.01
N VAL A 27 -15.87 -5.11 13.66
CA VAL A 27 -15.58 -6.26 14.52
C VAL A 27 -15.27 -5.73 15.90
N THR A 28 -15.94 -6.29 16.91
CA THR A 28 -15.77 -5.85 18.28
C THR A 28 -15.47 -7.08 19.11
N CYS A 29 -14.58 -6.93 20.06
CA CYS A 29 -14.25 -8.03 20.96
C CYS A 29 -14.10 -7.32 22.30
N GLY A 30 -15.19 -7.26 23.05
CA GLY A 30 -15.21 -6.51 24.30
C GLY A 30 -15.06 -5.02 24.06
N SER A 31 -14.15 -4.41 24.82
CA SER A 31 -13.90 -2.98 24.72
C SER A 31 -13.05 -2.59 23.50
N MET A 32 -12.73 -3.53 22.62
CA MET A 32 -11.91 -3.27 21.44
C MET A 32 -12.80 -3.35 20.19
N THR A 33 -12.64 -2.40 19.28
CA THR A 33 -13.42 -2.38 18.05
C THR A 33 -12.55 -1.92 16.89
N LEU A 34 -12.66 -2.60 15.77
CA LEU A 34 -11.97 -2.14 14.58
C LEU A 34 -12.71 -2.67 13.35
N ASN A 35 -12.07 -2.57 12.18
CA ASN A 35 -12.71 -2.98 10.94
C ASN A 35 -12.29 -4.39 10.56
N GLY A 36 -13.18 -5.07 9.83
CA GLY A 36 -12.85 -6.32 9.19
C GLY A 36 -13.32 -6.36 7.74
N LEU A 37 -12.87 -7.38 7.03
CA LEU A 37 -13.15 -7.60 5.63
C LEU A 37 -13.91 -8.90 5.49
N TRP A 38 -15.12 -8.84 4.94
CA TRP A 38 -16.06 -9.95 4.90
C TRP A 38 -16.09 -10.51 3.49
N LEU A 39 -15.47 -11.66 3.29
CA LEU A 39 -15.46 -12.32 1.99
C LEU A 39 -16.02 -13.73 2.17
N ASP A 40 -16.98 -14.09 1.35
CA ASP A 40 -17.55 -15.45 1.45
C ASP A 40 -18.04 -15.58 2.89
N ASN A 41 -17.68 -16.65 3.62
CA ASN A 41 -18.10 -16.87 5.00
C ASN A 41 -17.02 -16.50 6.00
N THR A 42 -16.08 -15.65 5.60
CA THR A 42 -14.92 -15.34 6.41
C THR A 42 -14.83 -13.83 6.62
N VAL A 43 -14.50 -13.45 7.85
CA VAL A 43 -14.21 -12.06 8.22
C VAL A 43 -12.76 -12.03 8.72
N TRP A 44 -11.93 -11.27 8.01
CA TRP A 44 -10.54 -11.05 8.36
C TRP A 44 -10.43 -9.79 9.20
N CYS A 45 -9.68 -9.83 10.28
CA CYS A 45 -9.40 -8.58 10.99
C CYS A 45 -8.09 -8.71 11.76
N PRO A 46 -7.55 -7.59 12.23
CA PRO A 46 -6.30 -7.65 13.00
C PRO A 46 -6.50 -8.39 14.30
N ARG A 47 -5.48 -9.14 14.68
CA ARG A 47 -5.67 -9.96 15.87
C ARG A 47 -5.64 -9.14 17.14
N HIS A 48 -5.16 -7.91 17.10
CA HIS A 48 -5.14 -7.17 18.35
C HIS A 48 -6.50 -6.65 18.76
N VAL A 49 -7.55 -7.01 18.02
CA VAL A 49 -8.89 -6.77 18.51
C VAL A 49 -9.11 -7.56 19.77
N MET A 50 -8.41 -8.68 19.92
CA MET A 50 -8.53 -9.51 21.12
C MET A 50 -7.80 -8.94 22.33
N CYS A 51 -6.97 -7.96 22.15
CA CYS A 51 -6.09 -7.52 23.22
CA CYS A 51 -6.08 -7.48 23.20
C CYS A 51 -6.74 -6.41 24.05
N PRO A 52 -6.75 -6.52 25.37
CA PRO A 52 -7.09 -5.37 26.20
C PRO A 52 -5.96 -4.34 26.17
N ALA A 53 -6.30 -3.09 26.50
CA ALA A 53 -5.32 -2.00 26.36
C ALA A 53 -4.09 -2.21 27.24
N ASP A 54 -4.29 -2.65 28.48
CA ASP A 54 -3.18 -2.83 29.41
C ASP A 54 -2.23 -3.94 28.99
N GLN A 55 -2.43 -4.55 27.83
CA GLN A 55 -1.62 -5.65 27.36
C GLN A 55 -1.11 -5.43 25.94
N LEU A 56 -1.48 -4.32 25.29
CA LEU A 56 -1.07 -4.07 23.91
C LEU A 56 0.44 -3.98 23.76
N SER A 57 1.17 -3.70 24.82
CA SER A 57 2.62 -3.59 24.71
CA SER A 57 2.62 -3.60 24.76
C SER A 57 3.31 -4.96 24.63
N ASP A 58 2.67 -6.03 25.07
CA ASP A 58 3.24 -7.36 24.90
C ASP A 58 2.15 -8.41 25.05
N PRO A 59 1.24 -8.52 24.10
CA PRO A 59 0.20 -9.55 24.19
C PRO A 59 0.78 -10.94 24.06
N ASN A 60 0.16 -11.90 24.73
CA ASN A 60 0.38 -13.30 24.39
C ASN A 60 -0.80 -13.69 23.53
N TYR A 61 -0.62 -13.57 22.22
CA TYR A 61 -1.74 -13.74 21.32
C TYR A 61 -2.22 -15.17 21.31
N ASP A 62 -1.31 -16.13 21.53
CA ASP A 62 -1.74 -17.53 21.59
C ASP A 62 -2.69 -17.75 22.76
N ALA A 63 -2.37 -17.21 23.92
CA ALA A 63 -3.25 -17.35 25.06
C ALA A 63 -4.52 -16.53 24.90
N LEU A 64 -4.42 -15.35 24.29
CA LEU A 64 -5.64 -14.61 24.03
C LEU A 64 -6.56 -15.39 23.12
N LEU A 65 -5.99 -16.03 22.09
CA LEU A 65 -6.81 -16.77 21.13
C LEU A 65 -7.58 -17.87 21.83
N ILE A 66 -6.88 -18.62 22.68
CA ILE A 66 -7.50 -19.77 23.32
C ILE A 66 -8.57 -19.33 24.29
N SER A 67 -8.46 -18.11 24.83
CA SER A 67 -9.44 -17.54 25.74
C SER A 67 -10.70 -17.03 25.04
N MET A 68 -10.70 -16.96 23.72
CA MET A 68 -11.86 -16.51 22.99
C MET A 68 -12.86 -17.64 22.82
N THR A 69 -14.12 -17.24 22.69
CA THR A 69 -15.19 -18.08 22.19
C THR A 69 -15.85 -17.36 21.02
N ASN A 70 -16.70 -18.06 20.28
CA ASN A 70 -17.45 -17.38 19.23
C ASN A 70 -18.27 -16.24 19.82
N HIS A 71 -18.87 -16.46 20.99
CA HIS A 71 -19.54 -15.40 21.72
C HIS A 71 -18.70 -14.16 21.92
N SER A 72 -17.37 -14.26 21.81
CA SER A 72 -16.53 -13.13 22.20
C SER A 72 -16.53 -12.04 21.14
N PHE A 73 -16.91 -12.38 19.92
CA PHE A 73 -16.83 -11.49 18.77
C PHE A 73 -18.22 -11.05 18.33
N SER A 74 -18.36 -9.75 18.06
CA SER A 74 -19.55 -9.19 17.45
C SER A 74 -19.13 -8.59 16.12
N VAL A 75 -19.80 -9.00 15.05
CA VAL A 75 -19.53 -8.53 13.70
C VAL A 75 -20.80 -7.86 13.16
N GLN A 76 -20.66 -6.63 12.70
CA GLN A 76 -21.79 -5.87 12.16
C GLN A 76 -21.44 -5.24 10.85
N LYS A 77 -22.40 -5.23 9.93
CA LYS A 77 -22.30 -4.45 8.69
C LYS A 77 -23.25 -3.27 8.79
N HIS A 78 -22.78 -2.08 8.44
CA HIS A 78 -23.55 -0.85 8.61
C HIS A 78 -24.08 -0.28 7.32
N ILE A 79 -23.28 -0.34 6.26
CA ILE A 79 -23.54 0.41 5.03
C ILE A 79 -24.28 -0.48 4.05
N GLY A 80 -25.33 0.06 3.44
CA GLY A 80 -25.94 -0.57 2.29
C GLY A 80 -26.90 -1.70 2.59
N ALA A 81 -26.39 -2.76 3.24
CA ALA A 81 -27.18 -3.95 3.54
C ALA A 81 -26.94 -4.34 4.99
N PRO A 82 -27.49 -3.56 5.94
CA PRO A 82 -27.12 -3.76 7.35
C PRO A 82 -27.29 -5.21 7.78
N ALA A 83 -26.51 -5.61 8.80
CA ALA A 83 -26.55 -6.97 9.29
C ALA A 83 -25.74 -7.12 10.58
N ASN A 84 -26.12 -8.10 11.40
CA ASN A 84 -25.27 -8.64 12.45
C ASN A 84 -24.87 -10.04 11.99
N LEU A 85 -23.57 -10.31 11.94
CA LEU A 85 -23.08 -11.61 11.49
C LEU A 85 -22.70 -12.45 12.69
N ARG A 86 -23.31 -13.61 12.81
CA ARG A 86 -22.99 -14.53 13.88
C ARG A 86 -21.69 -15.27 13.59
N VAL A 87 -20.76 -15.23 14.55
CA VAL A 87 -19.47 -15.89 14.38
C VAL A 87 -19.64 -17.35 14.77
N VAL A 88 -19.24 -18.26 13.89
CA VAL A 88 -19.36 -19.67 14.19
C VAL A 88 -18.02 -20.38 14.24
N GLY A 89 -16.93 -19.70 13.91
CA GLY A 89 -15.61 -20.26 14.09
C GLY A 89 -14.60 -19.14 14.17
N HIS A 90 -13.47 -19.41 14.80
CA HIS A 90 -12.42 -18.41 14.85
C HIS A 90 -11.08 -19.11 14.80
N ALA A 91 -10.12 -18.44 14.18
CA ALA A 91 -8.77 -18.97 14.01
C ALA A 91 -7.85 -17.77 13.83
N MET A 92 -6.56 -18.02 14.02
CA MET A 92 -5.57 -16.97 13.90
C MET A 92 -4.58 -17.36 12.83
N GLN A 93 -4.35 -16.47 11.88
CA GLN A 93 -3.28 -16.68 10.91
C GLN A 93 -2.30 -15.50 10.97
N GLY A 94 -1.12 -15.75 11.53
CA GLY A 94 -0.15 -14.69 11.73
C GLY A 94 -0.77 -13.62 12.57
N THR A 95 -0.77 -12.38 12.05
CA THR A 95 -1.27 -11.21 12.76
C THR A 95 -2.72 -10.91 12.45
N LEU A 96 -3.42 -11.82 11.81
CA LEU A 96 -4.83 -11.66 11.50
C LEU A 96 -5.66 -12.75 12.16
N LEU A 97 -6.89 -12.40 12.47
CA LEU A 97 -7.92 -13.37 12.80
C LEU A 97 -8.72 -13.70 11.56
N LYS A 98 -9.11 -14.96 11.47
CA LYS A 98 -10.04 -15.42 10.46
C LYS A 98 -11.27 -15.86 11.22
N LEU A 99 -12.32 -15.04 11.19
CA LEU A 99 -13.60 -15.44 11.75
C LEU A 99 -14.44 -16.09 10.67
N THR A 100 -15.10 -17.17 11.03
CA THR A 100 -16.07 -17.80 10.16
C THR A 100 -17.44 -17.35 10.64
N VAL A 101 -18.29 -16.95 9.71
CA VAL A 101 -19.60 -16.38 10.05
C VAL A 101 -20.66 -17.21 9.35
N ASP A 102 -21.90 -17.05 9.83
CA ASP A 102 -22.98 -17.90 9.33
C ASP A 102 -23.43 -17.50 7.93
N VAL A 103 -23.29 -16.23 7.56
CA VAL A 103 -23.81 -15.72 6.28
C VAL A 103 -22.64 -15.43 5.35
N ALA A 104 -22.71 -15.94 4.12
CA ALA A 104 -21.76 -15.55 3.09
C ALA A 104 -22.10 -14.18 2.54
N ASN A 105 -21.09 -13.33 2.40
CA ASN A 105 -21.32 -12.00 1.87
C ASN A 105 -21.88 -12.10 0.45
N PRO A 106 -23.10 -11.64 0.20
CA PRO A 106 -23.64 -11.74 -1.16
C PRO A 106 -22.99 -10.77 -2.14
N SER A 107 -22.22 -9.79 -1.66
CA SER A 107 -21.50 -8.89 -2.54
C SER A 107 -20.01 -9.21 -2.61
N THR A 108 -19.63 -10.43 -2.30
CA THR A 108 -18.22 -10.80 -2.40
C THR A 108 -17.76 -10.65 -3.84
N PRO A 109 -16.77 -9.81 -4.11
CA PRO A 109 -16.26 -9.70 -5.47
C PRO A 109 -15.38 -10.89 -5.80
N ALA A 110 -14.99 -10.99 -7.08
CA ALA A 110 -13.92 -11.91 -7.44
C ALA A 110 -12.65 -11.35 -6.82
N TYR A 111 -11.88 -12.19 -6.16
CA TYR A 111 -10.70 -11.65 -5.45
C TYR A 111 -9.58 -12.64 -5.34
N THR A 112 -8.40 -12.11 -5.04
CA THR A 112 -7.22 -12.89 -4.67
C THR A 112 -6.55 -12.16 -3.53
N PHE A 113 -5.62 -12.86 -2.90
CA PHE A 113 -4.73 -12.27 -1.91
C PHE A 113 -3.35 -12.24 -2.54
N THR A 114 -2.68 -11.11 -2.43
CA THR A 114 -1.34 -10.99 -2.98
C THR A 114 -0.51 -10.10 -2.06
N THR A 115 0.80 -10.16 -2.19
CA THR A 115 1.65 -9.23 -1.47
C THR A 115 2.15 -8.17 -2.44
N VAL A 116 2.23 -6.97 -1.95
CA VAL A 116 2.70 -5.86 -2.75
C VAL A 116 4.18 -5.64 -2.44
N LYS A 117 4.92 -5.22 -3.47
CA LYS A 117 6.35 -5.01 -3.45
C LYS A 117 6.70 -3.54 -3.36
N PRO A 118 7.84 -3.21 -2.76
CA PRO A 118 8.28 -1.81 -2.70
C PRO A 118 8.24 -1.14 -4.06
N GLY A 119 7.76 0.09 -4.06
CA GLY A 119 7.59 0.84 -5.27
C GLY A 119 6.25 0.65 -5.95
N ALA A 120 5.53 -0.41 -5.63
CA ALA A 120 4.24 -0.65 -6.24
C ALA A 120 3.13 0.07 -5.48
N ALA A 121 2.12 0.51 -6.25
CA ALA A 121 1.01 1.30 -5.77
C ALA A 121 -0.18 0.43 -5.48
N PHE A 122 -0.96 0.88 -4.50
CA PHE A 122 -2.23 0.25 -4.23
C PHE A 122 -3.16 1.26 -3.59
N SER A 123 -4.43 0.94 -3.66
CA SER A 123 -5.52 1.75 -3.17
C SER A 123 -5.89 1.32 -1.77
N VAL A 124 -6.22 2.28 -0.93
CA VAL A 124 -6.61 2.02 0.46
C VAL A 124 -8.00 2.58 0.66
N LEU A 125 -8.83 1.80 1.37
CA LEU A 125 -10.15 2.23 1.81
C LEU A 125 -10.06 2.41 3.31
N ALA A 126 -9.99 3.65 3.74
CA ALA A 126 -9.88 4.00 5.14
C ALA A 126 -11.27 3.92 5.76
N CYS A 127 -11.38 3.19 6.85
CA CYS A 127 -12.67 2.89 7.49
C CYS A 127 -12.54 3.08 8.99
N TYR A 128 -13.65 3.48 9.61
CA TYR A 128 -13.76 3.67 11.04
C TYR A 128 -15.07 3.08 11.49
N ASN A 129 -15.03 2.19 12.49
CA ASN A 129 -16.23 1.58 13.01
C ASN A 129 -16.98 0.84 11.92
N GLY A 130 -16.27 0.28 10.96
CA GLY A 130 -16.90 -0.44 9.87
C GLY A 130 -17.46 0.43 8.78
N ARG A 131 -17.26 1.74 8.85
CA ARG A 131 -17.83 2.67 7.88
C ARG A 131 -16.72 3.23 7.02
N PRO A 132 -16.76 3.01 5.72
CA PRO A 132 -15.77 3.65 4.83
C PRO A 132 -15.85 5.16 4.91
N THR A 133 -14.71 5.78 5.09
CA THR A 133 -14.64 7.23 5.20
CA THR A 133 -14.55 7.21 5.28
C THR A 133 -13.81 7.90 4.13
N GLY A 134 -12.86 7.20 3.53
CA GLY A 134 -12.14 7.83 2.44
C GLY A 134 -11.31 6.79 1.70
N THR A 135 -10.80 7.23 0.57
CA THR A 135 -9.92 6.36 -0.18
C THR A 135 -8.75 7.15 -0.74
N PHE A 136 -7.62 6.48 -0.81
CA PHE A 136 -6.39 7.12 -1.24
C PHE A 136 -5.49 6.05 -1.80
N THR A 137 -4.44 6.46 -2.50
CA THR A 137 -3.48 5.52 -3.08
C THR A 137 -2.09 5.80 -2.52
N VAL A 138 -1.31 4.75 -2.33
CA VAL A 138 0.03 4.85 -1.74
C VAL A 138 0.95 3.92 -2.51
N VAL A 139 2.26 4.15 -2.37
CA VAL A 139 3.27 3.25 -2.87
CA VAL A 139 3.25 3.22 -2.86
C VAL A 139 3.89 2.59 -1.64
N MET A 140 4.07 1.29 -1.69
CA MET A 140 4.84 0.60 -0.65
C MET A 140 6.27 1.12 -0.67
N ARG A 141 6.72 1.69 0.45
CA ARG A 141 8.08 2.19 0.47
C ARG A 141 9.08 1.05 0.59
N PRO A 142 10.33 1.30 0.19
CA PRO A 142 11.41 0.32 0.37
C PRO A 142 11.61 -0.16 1.80
N ASN A 143 11.19 0.58 2.83
CA ASN A 143 11.30 0.07 4.19
C ASN A 143 10.01 -0.56 4.68
N TYR A 144 9.09 -0.85 3.76
CA TYR A 144 7.85 -1.57 4.07
C TYR A 144 6.94 -0.81 4.99
N THR A 145 6.87 0.49 4.77
CA THR A 145 5.89 1.37 5.34
C THR A 145 5.12 2.02 4.19
N ILE A 146 4.00 2.63 4.52
CA ILE A 146 3.29 3.49 3.58
C ILE A 146 3.07 4.84 4.21
N LYS A 147 3.02 5.86 3.35
CA LYS A 147 2.76 7.22 3.80
C LYS A 147 1.26 7.42 3.68
N GLY A 148 0.53 6.93 4.69
CA GLY A 148 -0.90 6.90 4.66
C GLY A 148 -1.53 8.00 5.50
N SER A 149 -2.81 7.83 5.77
CA SER A 149 -3.55 8.81 6.57
C SER A 149 -4.55 7.97 7.36
N PHE A 150 -4.15 7.61 8.58
CA PHE A 150 -4.88 6.69 9.43
C PHE A 150 -4.88 7.23 10.84
N LEU A 151 -6.02 7.16 11.50
CA LEU A 151 -6.20 7.59 12.87
C LEU A 151 -6.65 6.44 13.77
N CYS A 152 -6.80 6.73 15.06
CA CYS A 152 -7.31 5.70 15.97
CA CYS A 152 -7.33 5.73 15.99
C CYS A 152 -8.61 5.11 15.42
N GLY A 153 -8.66 3.79 15.40
CA GLY A 153 -9.82 3.07 14.91
C GLY A 153 -9.77 2.65 13.45
N SER A 154 -8.69 2.97 12.75
CA SER A 154 -8.60 2.63 11.35
C SER A 154 -8.06 1.24 11.12
N CYS A 155 -7.61 0.54 12.16
CA CYS A 155 -7.05 -0.78 11.91
C CYS A 155 -8.10 -1.65 11.27
N GLY A 156 -7.66 -2.48 10.35
CA GLY A 156 -8.56 -3.30 9.59
C GLY A 156 -8.94 -2.69 8.25
N SER A 157 -8.64 -1.41 8.06
CA SER A 157 -8.76 -0.81 6.74
C SER A 157 -7.90 -1.60 5.76
N VAL A 158 -8.35 -1.68 4.50
CA VAL A 158 -7.76 -2.61 3.54
C VAL A 158 -7.15 -1.87 2.35
N GLY A 159 -6.08 -2.45 1.84
CA GLY A 159 -5.42 -2.00 0.65
C GLY A 159 -5.57 -3.08 -0.40
N TYR A 160 -5.67 -2.66 -1.66
CA TYR A 160 -5.88 -3.59 -2.74
C TYR A 160 -5.48 -2.99 -4.07
N THR A 161 -5.24 -3.88 -5.02
CA THR A 161 -5.11 -3.53 -6.43
C THR A 161 -6.23 -4.23 -7.19
N LYS A 162 -6.31 -3.95 -8.49
CA LYS A 162 -7.40 -4.47 -9.30
C LYS A 162 -6.85 -4.87 -10.64
N GLU A 163 -7.14 -6.10 -11.06
CA GLU A 163 -6.81 -6.58 -12.39
C GLU A 163 -8.15 -6.94 -13.01
N GLY A 164 -8.62 -6.11 -13.93
CA GLY A 164 -9.95 -6.33 -14.44
C GLY A 164 -10.95 -6.14 -13.33
N SER A 165 -11.85 -7.11 -13.21
CA SER A 165 -12.87 -7.11 -12.17
C SER A 165 -12.40 -7.78 -10.88
N VAL A 166 -11.18 -8.30 -10.87
CA VAL A 166 -10.69 -9.07 -9.73
C VAL A 166 -9.93 -8.13 -8.79
N ILE A 167 -10.31 -8.16 -7.53
CA ILE A 167 -9.68 -7.34 -6.51
C ILE A 167 -8.60 -8.18 -5.87
N ASN A 168 -7.38 -7.68 -5.84
CA ASN A 168 -6.25 -8.34 -5.20
C ASN A 168 -5.98 -7.62 -3.89
N PHE A 169 -6.40 -8.23 -2.81
CA PHE A 169 -6.23 -7.64 -1.49
C PHE A 169 -4.82 -7.88 -1.05
N CYS A 170 -4.15 -6.81 -0.61
CA CYS A 170 -2.73 -6.85 -0.31
C CYS A 170 -2.33 -6.22 1.02
N TYR A 171 -3.25 -5.65 1.78
CA TYR A 171 -2.85 -4.90 2.96
C TYR A 171 -4.01 -4.82 3.92
N MET A 172 -3.74 -5.05 5.20
CA MET A 172 -4.70 -4.74 6.23
C MET A 172 -3.98 -3.92 7.28
N HIS A 173 -4.54 -2.75 7.57
CA HIS A 173 -3.82 -1.77 8.38
C HIS A 173 -3.67 -2.20 9.83
N GLN A 174 -2.46 -2.01 10.38
CA GLN A 174 -2.21 -2.33 11.78
C GLN A 174 -1.60 -1.23 12.64
N MET A 175 -0.73 -0.38 12.11
CA MET A 175 0.00 0.43 13.07
C MET A 175 0.60 1.68 12.44
N GLU A 176 0.98 2.60 13.31
CA GLU A 176 1.63 3.84 12.91
C GLU A 176 3.03 3.86 13.53
N LEU A 177 4.03 4.19 12.73
CA LEU A 177 5.41 4.21 13.20
C LEU A 177 5.79 5.61 13.66
N ALA A 178 6.97 5.71 14.30
CA ALA A 178 7.31 6.95 14.98
C ALA A 178 7.41 8.12 14.02
N ASN A 179 7.77 7.87 12.77
CA ASN A 179 7.91 8.96 11.81
C ASN A 179 6.62 9.27 11.07
N GLY A 180 5.48 8.79 11.56
CA GLY A 180 4.21 9.13 10.96
C GLY A 180 3.79 8.24 9.82
N THR A 181 4.61 7.28 9.43
CA THR A 181 4.20 6.35 8.40
C THR A 181 3.50 5.17 9.05
N HIS A 182 3.07 4.24 8.22
CA HIS A 182 2.09 3.24 8.57
C HIS A 182 2.52 1.87 8.05
N THR A 183 2.07 0.84 8.71
CA THR A 183 2.24 -0.48 8.15
C THR A 183 1.16 -1.42 8.65
N GLY A 184 1.16 -2.59 8.05
CA GLY A 184 0.13 -3.57 8.31
C GLY A 184 0.55 -4.91 7.79
N SER A 185 -0.44 -5.75 7.57
CA SER A 185 -0.29 -7.16 7.25
C SER A 185 -0.70 -7.44 5.82
N ALA A 186 -0.12 -8.49 5.26
CA ALA A 186 -0.69 -9.13 4.10
C ALA A 186 -1.72 -10.14 4.59
N PHE A 187 -2.49 -10.69 3.67
CA PHE A 187 -3.56 -11.55 4.09
C PHE A 187 -3.07 -12.98 4.33
N ASP A 188 -1.78 -13.24 4.14
CA ASP A 188 -1.20 -14.45 4.74
C ASP A 188 -0.85 -14.25 6.19
N GLY A 189 -1.17 -13.09 6.76
CA GLY A 189 -0.94 -12.84 8.16
C GLY A 189 0.44 -12.30 8.50
N THR A 190 1.34 -12.21 7.53
CA THR A 190 2.67 -11.70 7.80
C THR A 190 2.64 -10.19 7.79
N MET A 191 3.30 -9.55 8.76
CA MET A 191 3.49 -8.11 8.65
C MET A 191 4.47 -7.78 7.53
N TYR A 192 4.21 -6.71 6.80
CA TYR A 192 5.24 -6.15 5.92
C TYR A 192 6.47 -5.76 6.75
N GLY A 193 7.63 -5.96 6.18
CA GLY A 193 8.86 -5.57 6.85
C GLY A 193 9.12 -6.45 8.06
N ALA A 194 9.95 -5.93 8.96
CA ALA A 194 10.32 -6.61 10.19
C ALA A 194 9.42 -6.25 11.35
N PHE A 195 8.27 -5.64 11.08
CA PHE A 195 7.46 -5.09 12.15
C PHE A 195 6.68 -6.18 12.86
N MET A 196 6.30 -5.88 14.10
CA MET A 196 5.49 -6.73 14.95
C MET A 196 4.27 -5.97 15.46
N ASP A 197 3.14 -6.66 15.56
CA ASP A 197 1.88 -6.06 15.98
C ASP A 197 1.79 -6.03 17.51
N LYS A 198 2.66 -5.21 18.08
CA LYS A 198 2.67 -4.94 19.50
C LYS A 198 3.03 -3.48 19.68
N GLN A 199 2.45 -2.88 20.71
CA GLN A 199 2.57 -1.42 20.87
C GLN A 199 3.86 -1.07 21.58
N VAL A 200 4.96 -1.17 20.83
CA VAL A 200 6.30 -0.86 21.32
C VAL A 200 7.02 -0.09 20.22
N HIS A 201 7.85 0.87 20.59
CA HIS A 201 8.69 1.49 19.57
C HIS A 201 9.47 0.41 18.85
N GLN A 202 9.52 0.52 17.55
CA GLN A 202 10.20 -0.46 16.72
C GLN A 202 11.19 0.24 15.82
N VAL A 203 12.41 -0.29 15.77
CA VAL A 203 13.36 0.18 14.79
C VAL A 203 12.73 0.03 13.42
N GLN A 204 12.80 1.08 12.63
CA GLN A 204 12.39 1.03 11.25
C GLN A 204 13.56 1.29 10.32
N LEU A 205 13.52 0.61 9.19
CA LEU A 205 14.65 0.67 8.30
C LEU A 205 14.63 2.00 7.56
N THR A 206 15.77 2.30 6.97
CA THR A 206 15.91 3.51 6.22
C THR A 206 15.12 3.41 4.92
N ASP A 207 14.40 4.47 4.61
CA ASP A 207 13.70 4.54 3.34
C ASP A 207 14.69 4.92 2.25
N LYS A 208 14.24 4.73 1.00
CA LYS A 208 15.07 4.99 -0.16
C LYS A 208 14.18 5.56 -1.24
N TYR A 209 14.78 6.24 -2.20
CA TYR A 209 14.07 6.57 -3.42
C TYR A 209 13.84 5.33 -4.26
N CYS A 210 12.63 5.18 -4.80
CA CYS A 210 12.32 4.08 -5.70
CA CYS A 210 12.33 4.09 -5.70
C CYS A 210 12.74 4.51 -7.10
N SER A 211 13.90 4.01 -7.53
CA SER A 211 14.47 4.42 -8.81
C SER A 211 13.51 4.22 -9.98
N VAL A 212 12.84 3.06 -10.04
CA VAL A 212 12.00 2.80 -11.21
C VAL A 212 10.89 3.83 -11.31
N ASN A 213 10.36 4.28 -10.17
CA ASN A 213 9.31 5.30 -10.16
C ASN A 213 9.83 6.69 -10.49
N VAL A 214 11.05 7.02 -10.06
CA VAL A 214 11.68 8.26 -10.53
C VAL A 214 11.87 8.23 -12.04
N VAL A 215 12.35 7.11 -12.60
CA VAL A 215 12.45 7.01 -14.04
C VAL A 215 11.08 7.26 -14.68
N ALA A 216 10.03 6.66 -14.11
CA ALA A 216 8.70 6.82 -14.67
C ALA A 216 8.28 8.28 -14.70
N TRP A 217 8.56 9.01 -13.62
CA TRP A 217 8.21 10.41 -13.53
C TRP A 217 9.01 11.24 -14.50
N LEU A 218 10.27 10.89 -14.72
CA LEU A 218 11.03 11.65 -15.72
C LEU A 218 10.45 11.40 -17.10
N TYR A 219 9.98 10.18 -17.38
CA TYR A 219 9.28 9.94 -18.64
C TYR A 219 7.98 10.74 -18.73
N ALA A 220 7.25 10.84 -17.61
CA ALA A 220 6.05 11.67 -17.63
C ALA A 220 6.39 13.08 -18.02
N ALA A 221 7.53 13.56 -17.53
CA ALA A 221 7.94 14.93 -17.84
C ALA A 221 8.17 15.09 -19.33
N ILE A 222 8.88 14.12 -19.92
CA ILE A 222 9.15 14.11 -21.36
C ILE A 222 7.85 14.06 -22.15
N LEU A 223 6.92 13.22 -21.72
CA LEU A 223 5.61 13.15 -22.36
C LEU A 223 4.84 14.47 -22.29
N ASN A 224 5.19 15.35 -21.35
CA ASN A 224 4.60 16.67 -21.24
C ASN A 224 5.46 17.75 -21.88
N GLY A 225 6.44 17.38 -22.67
CA GLY A 225 7.27 18.35 -23.35
C GLY A 225 8.41 18.91 -22.54
N CYS A 226 8.66 18.37 -21.36
CA CYS A 226 9.66 18.86 -20.43
C CYS A 226 10.84 17.89 -20.47
N ALA A 227 11.93 18.26 -21.16
CA ALA A 227 13.04 17.33 -21.32
C ALA A 227 14.40 17.98 -21.20
N TRP A 228 14.53 19.08 -20.45
CA TRP A 228 15.80 19.79 -20.37
C TRP A 228 16.89 18.95 -19.73
N PHE A 229 16.50 17.97 -18.93
CA PHE A 229 17.44 17.14 -18.18
C PHE A 229 17.96 15.97 -19.00
N VAL A 230 17.45 15.76 -20.20
CA VAL A 230 17.85 14.65 -21.06
C VAL A 230 19.10 15.07 -21.81
N LYS A 231 20.13 14.24 -21.73
CA LYS A 231 21.39 14.40 -22.45
C LYS A 231 21.64 13.13 -23.22
N PRO A 232 22.52 13.16 -24.22
CA PRO A 232 22.95 11.89 -24.80
C PRO A 232 23.72 11.04 -23.82
N ASN A 233 24.20 11.62 -22.72
CA ASN A 233 24.94 10.84 -21.73
C ASN A 233 24.07 9.71 -21.17
N ARG A 234 24.72 8.60 -20.87
N ARG A 234 24.72 8.60 -20.86
CA ARG A 234 24.05 7.37 -20.43
CA ARG A 234 24.05 7.39 -20.41
C ARG A 234 24.82 6.75 -19.27
C ARG A 234 24.82 6.78 -19.25
N THR A 235 24.08 6.15 -18.35
CA THR A 235 24.66 5.34 -17.28
C THR A 235 24.00 3.96 -17.39
N SER A 236 24.81 2.92 -17.39
CA SER A 236 24.27 1.59 -17.52
C SER A 236 23.53 1.20 -16.25
N VAL A 237 22.63 0.23 -16.39
CA VAL A 237 21.88 -0.25 -15.24
C VAL A 237 22.82 -0.77 -14.17
N VAL A 238 23.83 -1.56 -14.56
CA VAL A 238 24.74 -2.12 -13.57
CA VAL A 238 24.75 -2.12 -13.58
C VAL A 238 25.46 -1.00 -12.83
N SER A 239 25.95 0.01 -13.56
CA SER A 239 26.67 1.11 -12.92
C SER A 239 25.74 1.95 -12.06
N PHE A 240 24.54 2.23 -12.55
CA PHE A 240 23.60 3.00 -11.76
C PHE A 240 23.31 2.28 -10.46
N ASN A 241 23.14 0.97 -10.52
CA ASN A 241 22.78 0.21 -9.34
C ASN A 241 23.89 0.19 -8.30
N GLU A 242 25.16 0.22 -8.74
CA GLU A 242 26.24 0.42 -7.78
C GLU A 242 26.19 1.81 -7.17
N TRP A 243 25.88 2.82 -7.97
CA TRP A 243 25.71 4.18 -7.43
C TRP A 243 24.54 4.22 -6.46
N ALA A 244 23.43 3.60 -6.83
CA ALA A 244 22.23 3.62 -5.98
C ALA A 244 22.54 3.13 -4.57
N LEU A 245 23.33 2.06 -4.46
CA LEU A 245 23.61 1.47 -3.15
C LEU A 245 24.25 2.46 -2.21
N ALA A 246 25.07 3.36 -2.76
CA ALA A 246 25.76 4.37 -1.97
C ALA A 246 24.94 5.63 -1.74
N ASN A 247 23.80 5.79 -2.42
CA ASN A 247 23.13 7.08 -2.44
C ASN A 247 21.64 6.97 -2.09
N GLN A 248 21.21 5.89 -1.45
CA GLN A 248 19.86 5.82 -0.90
C GLN A 248 18.82 5.70 -2.01
N PHE A 249 19.17 5.01 -3.08
CA PHE A 249 18.24 4.62 -4.12
C PHE A 249 18.09 3.11 -4.11
N THR A 250 16.89 2.66 -4.48
CA THR A 250 16.69 1.26 -4.82
C THR A 250 17.46 0.96 -6.09
N GLU A 251 17.89 -0.28 -6.20
CA GLU A 251 18.45 -0.73 -7.45
C GLU A 251 17.33 -0.76 -8.51
N PHE A 252 17.68 -0.34 -9.72
CA PHE A 252 16.70 -0.29 -10.80
C PHE A 252 16.54 -1.66 -11.45
N VAL A 253 15.29 -2.07 -11.65
CA VAL A 253 14.95 -3.25 -12.43
C VAL A 253 13.93 -2.87 -13.47
N GLY A 254 14.30 -3.00 -14.74
CA GLY A 254 13.39 -2.59 -15.81
C GLY A 254 12.21 -3.54 -15.94
N THR A 255 11.13 -3.00 -16.53
CA THR A 255 9.90 -3.75 -16.75
C THR A 255 9.36 -3.39 -18.13
N GLN A 256 8.42 -4.19 -18.63
CA GLN A 256 7.80 -3.89 -19.91
C GLN A 256 7.10 -2.52 -19.89
N SER A 257 6.56 -2.12 -18.74
CA SER A 257 5.92 -0.80 -18.63
CA SER A 257 5.92 -0.80 -18.66
C SER A 257 6.93 0.31 -18.82
N VAL A 258 8.11 0.15 -18.26
CA VAL A 258 9.13 1.18 -18.49
C VAL A 258 9.59 1.16 -19.93
N ASP A 259 9.74 -0.03 -20.51
CA ASP A 259 10.14 -0.12 -21.91
C ASP A 259 9.13 0.57 -22.83
N MET A 260 7.83 0.50 -22.52
CA MET A 260 6.85 1.18 -23.37
C MET A 260 7.07 2.68 -23.33
N LEU A 261 7.46 3.20 -22.15
CA LEU A 261 7.72 4.63 -22.07
C LEU A 261 8.96 4.99 -22.88
N ALA A 262 9.98 4.13 -22.86
CA ALA A 262 11.18 4.38 -23.65
C ALA A 262 10.86 4.43 -25.14
N VAL A 263 9.94 3.59 -25.58
CA VAL A 263 9.64 3.49 -27.00
C VAL A 263 8.82 4.69 -27.44
N LYS A 264 7.80 5.01 -26.67
CA LYS A 264 6.98 6.18 -26.96
C LYS A 264 7.81 7.45 -27.01
N THR A 265 8.70 7.65 -26.04
CA THR A 265 9.42 8.92 -25.99
C THR A 265 10.69 8.94 -26.84
N GLY A 266 11.22 7.77 -27.18
CA GLY A 266 12.54 7.68 -27.78
C GLY A 266 13.69 8.08 -26.88
N VAL A 267 13.52 8.06 -25.57
CA VAL A 267 14.62 8.32 -24.64
C VAL A 267 14.95 7.03 -23.92
N ALA A 268 16.22 6.67 -23.91
CA ALA A 268 16.59 5.40 -23.32
C ALA A 268 16.59 5.48 -21.81
N ILE A 269 16.30 4.33 -21.18
CA ILE A 269 16.36 4.23 -19.72
C ILE A 269 17.70 4.75 -19.23
N GLU A 270 18.78 4.37 -19.91
CA GLU A 270 20.10 4.72 -19.42
C GLU A 270 20.34 6.22 -19.42
N GLN A 271 19.68 6.94 -20.33
CA GLN A 271 19.78 8.40 -20.31
C GLN A 271 19.12 8.98 -19.06
N LEU A 272 18.04 8.37 -18.62
CA LEU A 272 17.38 8.86 -17.42
C LEU A 272 18.10 8.41 -16.14
N LEU A 273 18.74 7.24 -16.15
CA LEU A 273 19.59 6.88 -15.03
C LEU A 273 20.73 7.87 -14.85
N TYR A 274 21.37 8.26 -15.95
CA TYR A 274 22.35 9.35 -15.90
C TYR A 274 21.73 10.64 -15.37
N ALA A 275 20.55 11.01 -15.87
CA ALA A 275 19.91 12.22 -15.38
C ALA A 275 19.65 12.16 -13.88
N ILE A 276 19.20 11.01 -13.39
CA ILE A 276 18.90 10.89 -11.96
C ILE A 276 20.16 11.17 -11.14
N GLN A 277 21.29 10.63 -11.58
CA GLN A 277 22.54 10.85 -10.88
C GLN A 277 22.86 12.33 -10.79
N GLN A 278 22.62 13.06 -11.88
CA GLN A 278 22.90 14.50 -11.89
C GLN A 278 21.86 15.26 -11.09
N LEU A 279 20.58 14.91 -11.26
CA LEU A 279 19.54 15.66 -10.57
C LEU A 279 19.63 15.44 -9.07
N TYR A 280 20.10 14.28 -8.64
CA TYR A 280 20.23 14.02 -7.21
C TYR A 280 21.19 15.01 -6.57
N THR A 281 22.24 15.40 -7.30
CA THR A 281 23.17 16.40 -6.80
C THR A 281 22.55 17.79 -6.76
N GLY A 282 21.49 18.05 -7.53
CA GLY A 282 20.79 19.32 -7.48
C GLY A 282 20.08 19.66 -8.76
N PHE A 283 18.91 20.31 -8.65
CA PHE A 283 18.19 20.74 -9.85
C PHE A 283 18.71 22.08 -10.38
N GLN A 284 19.63 22.72 -9.67
CA GLN A 284 20.23 23.97 -10.13
C GLN A 284 19.15 25.01 -10.45
N GLY A 285 18.21 25.15 -9.53
CA GLY A 285 17.15 26.12 -9.66
C GLY A 285 16.09 25.80 -10.68
N LYS A 286 16.18 24.68 -11.38
CA LYS A 286 15.18 24.35 -12.38
C LYS A 286 14.10 23.49 -11.74
N GLN A 287 12.99 23.33 -12.46
CA GLN A 287 11.88 22.53 -12.00
C GLN A 287 11.56 21.47 -13.05
N ILE A 288 11.04 20.34 -12.58
CA ILE A 288 10.54 19.28 -13.43
C ILE A 288 9.11 19.04 -12.98
N LEU A 289 8.16 19.25 -13.88
CA LEU A 289 6.74 19.10 -13.57
C LEU A 289 6.39 19.78 -12.26
N GLY A 290 6.87 21.01 -12.12
CA GLY A 290 6.57 21.81 -10.94
C GLY A 290 7.36 21.47 -9.69
N SER A 291 8.26 20.51 -9.75
CA SER A 291 8.94 20.02 -8.56
C SER A 291 10.42 20.39 -8.61
N THR A 292 10.98 20.68 -7.45
CA THR A 292 12.42 20.86 -7.31
C THR A 292 13.09 19.64 -6.71
N MET A 293 12.36 18.54 -6.54
CA MET A 293 12.95 17.31 -6.04
C MET A 293 12.41 16.12 -6.84
N LEU A 294 13.21 15.07 -6.86
CA LEU A 294 12.80 13.85 -7.53
C LEU A 294 11.53 13.30 -6.92
N GLU A 295 10.66 12.78 -7.76
CA GLU A 295 9.35 12.24 -7.36
C GLU A 295 9.35 10.75 -7.61
N ASP A 296 9.02 9.95 -6.57
CA ASP A 296 9.01 8.51 -6.74
C ASP A 296 7.67 7.92 -6.33
N GLU A 297 6.63 8.74 -6.26
CA GLU A 297 5.33 8.23 -5.86
C GLU A 297 4.42 7.87 -7.02
N PHE A 298 4.90 7.95 -8.26
CA PHE A 298 4.14 7.52 -9.44
C PHE A 298 4.86 6.37 -10.13
N THR A 299 4.10 5.33 -10.50
CA THR A 299 4.70 4.15 -11.10
C THR A 299 4.73 4.25 -12.61
N PRO A 300 5.52 3.40 -13.26
CA PRO A 300 5.44 3.31 -14.74
C PRO A 300 4.02 3.03 -15.24
N GLU A 301 3.29 2.17 -14.54
CA GLU A 301 1.92 1.87 -14.91
C GLU A 301 1.04 3.11 -14.78
N ASP A 302 1.26 3.91 -13.73
CA ASP A 302 0.50 5.16 -13.60
C ASP A 302 0.71 6.04 -14.81
N VAL A 303 1.96 6.16 -15.25
CA VAL A 303 2.26 7.07 -16.35
C VAL A 303 1.66 6.52 -17.63
N ASN A 304 1.79 5.21 -17.85
CA ASN A 304 1.19 4.61 -19.05
C ASN A 304 -0.32 4.82 -19.07
N MET A 305 -0.99 4.59 -17.94
CA MET A 305 -2.44 4.68 -17.90
C MET A 305 -2.93 6.12 -17.97
N GLN A 306 -2.38 7.00 -17.15
CA GLN A 306 -3.00 8.33 -17.01
C GLN A 306 -2.64 9.26 -18.15
N ILE A 307 -1.43 9.16 -18.68
CA ILE A 307 -0.98 10.02 -19.74
C ILE A 307 -1.17 9.37 -21.10
N MET A 308 -0.77 8.12 -21.25
CA MET A 308 -0.83 7.45 -22.54
C MET A 308 -2.12 6.66 -22.75
N GLY A 309 -2.97 6.53 -21.74
CA GLY A 309 -4.20 5.80 -21.91
C GLY A 309 -4.03 4.32 -22.15
N VAL A 310 -2.88 3.75 -21.76
CA VAL A 310 -2.59 2.32 -21.92
C VAL A 310 -2.80 1.60 -20.59
N VAL A 311 -3.62 0.55 -20.60
CA VAL A 311 -3.71 -0.34 -19.44
C VAL A 311 -3.30 -1.76 -19.85
N1 A1AGT B . -0.29 0.53 17.99
N3 A1AGT B . -2.81 5.77 13.77
C4 A1AGT B . 3.51 2.26 17.55
C5 A1AGT B . 2.50 2.68 18.60
C6 A1AGT B . 0.58 1.49 17.65
C7 A1AGT B . -1.27 -0.03 17.09
C8 A1AGT B . -1.79 -1.32 17.72
C10 A1AGT B . -0.14 -2.90 16.66
C13 A1AGT B . -4.28 1.49 15.30
C15 A1AGT B . -3.04 3.58 14.50
C17 A1AGT B . -3.00 5.87 15.22
C20 A1AGT B . 5.24 3.89 18.62
C21 A1AGT B . 5.03 5.28 18.06
C22 A1AGT B . 4.09 5.51 17.07
C24 A1AGT B . 3.39 8.62 15.51
C26 A1AGT B . 5.60 7.65 18.11
C16 A1AGT B . -2.74 4.51 13.33
C19 A1AGT B . -5.41 0.52 14.99
C18 A1AGT B . -3.61 4.53 15.57
C3 A1AGT B . 3.87 0.78 17.55
O1 A1AGT B . 6.94 2.43 16.76
C12 A1AGT B . -2.43 0.92 16.81
C11 A1AGT B . -1.25 -3.54 18.80
C9 A1AGT B . -0.72 -2.38 17.97
N2 A1AGT B . -3.10 0.72 15.67
C2 A1AGT B . 5.13 0.77 16.68
C14 A1AGT B . -3.97 2.42 14.14
C1 A1AGT B . 5.78 2.09 17.01
C25 A1AGT B . 4.66 7.84 17.12
N4 A1AGT B . 4.88 2.79 17.74
C27 A1AGT B . 5.76 6.34 18.57
C23 A1AGT B . 3.93 6.79 16.61
O2 A1AGT B . 1.42 1.72 18.69
O6 A1AGT B . 0.60 2.07 16.57
F1 A1AGT B . 2.31 9.39 15.51
F2 A1AGT B . 3.94 8.81 14.30
O3 A1AGT B . -2.50 4.14 12.18
O4 A1AGT B . -6.66 1.16 14.78
O5 A1AGT B . -2.69 1.83 17.60
O7 A1AGT B . 3.05 7.30 15.65
O8 A1AGT B . 4.27 9.02 16.48
C1 A1AGS C . 5.53 2.30 17.12
O2 A1AGS C . 1.05 2.18 18.45
C3 A1AGS C . 3.55 1.08 17.64
C4 A1AGS C . 3.25 2.58 17.44
C5 A1AGS C . 2.11 3.15 18.26
O6 A1AGS C . 0.43 1.99 16.25
C7 A1AGS C . -1.45 -0.01 17.09
C8 A1AGS C . -1.84 -1.29 17.83
C9 A1AGS C . -0.68 -2.21 18.16
C10 A1AGS C . -0.05 -2.77 16.90
C11 A1AGS C . -1.13 -3.34 19.08
C12 A1AGS C . -2.69 0.83 16.81
C13 A1AGS C . -4.39 1.52 15.20
C16 A1AGS C . -2.69 4.43 13.21
C17 A1AGS C . -2.91 5.87 15.03
C18 A1AGS C . -3.62 4.57 15.40
C19 A1AGS C . -5.54 0.59 14.88
C20 A1AGS C . 4.95 4.16 18.63
C21 A1AGS C . 4.83 5.56 18.10
C22 A1AGS C . 3.84 5.91 17.18
C24 A1AGS C . 3.26 9.14 15.80
C26 A1AGS C . 5.65 7.87 18.10
C27 A1AGS C . 5.71 6.54 18.54
C14 A1AGS C . -4.05 2.45 14.03
C15 A1AGS C . -3.07 3.57 14.40
C2 A1AGS C . 4.87 0.96 16.88
C23 A1AGS C . 3.79 7.22 16.75
C25 A1AGS C . 4.67 8.17 17.20
C6 A1AGS C . 0.34 1.67 17.42
F1 A1AGS C . 2.24 9.92 16.14
F2 A1AGS C . 3.54 9.46 14.53
N1 A1AGS C . -0.50 0.73 17.89
N2 A1AGS C . -3.20 0.76 15.57
N3 A1AGS C . -2.67 5.71 13.61
N4 A1AGS C . 4.61 3.06 17.74
O1 A1AGS C . 6.71 2.58 16.93
O3 A1AGS C . -2.42 4.01 12.08
O4 A1AGS C . -5.80 -0.27 15.97
O5 A1AGS C . -3.18 1.51 17.70
O7 A1AGS C . 2.88 7.82 15.86
O8 A1AGS C . 4.34 9.39 16.60
#